data_4X24
#
_entry.id   4X24
#
_cell.length_a   52.898
_cell.length_b   72.708
_cell.length_c   61.621
_cell.angle_alpha   90.000
_cell.angle_beta   110.000
_cell.angle_gamma   90.000
#
_symmetry.space_group_name_H-M   'P 1 21 1'
#
loop_
_entity.id
_entity.type
_entity.pdbx_description
1 polymer "5'-methylthioadenosine/S-adenosylhomocysteine nucleosidase"
2 non-polymer (3R,4S)-1-[(4-AMINO-5H-PYRROLO[3,2-D]PYRIMIDIN-7-YL)METHYL]-4-[(METHYLSULFANYL)METHYL]PYRROLIDIN-3-OL
3 non-polymer 'TRIETHYLENE GLYCOL'
4 water water
#
_entity_poly.entity_id   1
_entity_poly.type   'polypeptide(L)'
_entity_poly.pdbx_seq_one_letter_code
;MKIGIIGAMQQEVAILKDLIEDVQEVNQAGCTFYSGQIQGVDVVLLQSGIGKVSAALGTALLISQYAPDVVINTGSAGGF
DASLNVGDVVISSEVRHHDADVTAFGYEIGQMPGQPAAFKADEKLMTVAEQALAQLPNTHAVRGLICTGDAFICTAEGQQ
FIRQHFPSVVAVEMEASAIAQTCHQFKVPFVVVRAISDVADKESPLSFEEFLPLAAKSSSAMVLKMVELLKENLYFQGHH
HHHH
;
_entity_poly.pdbx_strand_id   A,B
#
# COMPACT_ATOMS: atom_id res chain seq x y z
N MET A 1 24.62 -12.50 -8.14
CA MET A 1 23.60 -11.65 -7.46
C MET A 1 22.22 -12.11 -7.89
N LYS A 2 21.19 -11.57 -7.25
CA LYS A 2 19.82 -11.84 -7.66
C LYS A 2 19.15 -10.50 -7.89
N ILE A 3 18.53 -10.37 -9.04
CA ILE A 3 17.85 -9.14 -9.42
C ILE A 3 16.35 -9.33 -9.34
N GLY A 4 15.70 -8.50 -8.54
CA GLY A 4 14.24 -8.46 -8.52
C GLY A 4 13.72 -7.45 -9.53
N ILE A 5 12.71 -7.86 -10.29
CA ILE A 5 12.07 -7.01 -11.28
C ILE A 5 10.58 -7.05 -10.98
N ILE A 6 9.96 -5.87 -10.91
CA ILE A 6 8.54 -5.75 -10.57
C ILE A 6 7.79 -4.98 -11.64
N GLY A 7 6.72 -5.57 -12.17
CA GLY A 7 5.79 -4.84 -13.05
C GLY A 7 4.38 -5.13 -12.59
N ALA A 8 3.46 -4.20 -12.83
CA ALA A 8 2.10 -4.35 -12.34
C ALA A 8 1.24 -5.26 -13.22
N MET A 9 1.30 -5.00 -14.52
CA MET A 9 0.38 -5.59 -15.48
C MET A 9 0.99 -6.71 -16.31
N GLN A 10 0.12 -7.56 -16.85
CA GLN A 10 0.53 -8.67 -17.72
C GLN A 10 1.46 -8.19 -18.84
N GLN A 11 1.03 -7.16 -19.57
CA GLN A 11 1.81 -6.65 -20.69
C GLN A 11 3.15 -6.09 -20.25
N GLU A 12 3.20 -5.58 -19.02
CA GLU A 12 4.43 -4.97 -18.52
C GLU A 12 5.48 -6.01 -18.17
N VAL A 13 5.03 -7.23 -17.84
CA VAL A 13 5.98 -8.28 -17.49
C VAL A 13 6.24 -9.33 -18.57
N ALA A 14 5.45 -9.29 -19.64
CA ALA A 14 5.42 -10.40 -20.59
C ALA A 14 6.72 -10.56 -21.37
N ILE A 15 7.37 -9.44 -21.68
CA ILE A 15 8.58 -9.49 -22.50
C ILE A 15 9.70 -10.13 -21.70
N LEU A 16 9.89 -9.66 -20.47
CA LEU A 16 10.92 -10.19 -19.63
C LEU A 16 10.60 -11.62 -19.20
N LYS A 17 9.33 -11.92 -18.93
CA LYS A 17 8.92 -13.30 -18.56
C LYS A 17 9.43 -14.31 -19.59
N ASP A 18 9.28 -13.96 -20.86
CA ASP A 18 9.66 -14.88 -21.95
CA ASP A 18 9.66 -14.85 -21.96
C ASP A 18 11.16 -15.09 -22.10
N LEU A 19 11.97 -14.26 -21.44
CA LEU A 19 13.43 -14.42 -21.46
C LEU A 19 13.99 -15.26 -20.30
N ILE A 20 13.14 -15.63 -19.35
CA ILE A 20 13.60 -16.37 -18.19
C ILE A 20 13.83 -17.83 -18.56
N GLU A 21 15.06 -18.29 -18.28
CA GLU A 21 15.44 -19.69 -18.51
C GLU A 21 15.18 -20.46 -17.23
N ASP A 22 14.84 -21.74 -17.37
CA ASP A 22 14.54 -22.60 -16.20
C ASP A 22 13.47 -21.96 -15.31
N VAL A 23 12.45 -21.41 -15.96
CA VAL A 23 11.46 -20.59 -15.25
C VAL A 23 10.63 -21.42 -14.29
N GLN A 24 10.45 -20.87 -13.09
CA GLN A 24 9.62 -21.46 -12.05
C GLN A 24 8.59 -20.41 -11.66
N GLU A 25 7.31 -20.74 -11.80
CA GLU A 25 6.21 -19.82 -11.50
C GLU A 25 5.53 -20.19 -10.19
N VAL A 26 5.39 -19.20 -9.30
CA VAL A 26 4.67 -19.35 -8.04
C VAL A 26 3.55 -18.32 -8.01
N ASN A 27 2.36 -18.76 -7.63
CA ASN A 27 1.24 -17.87 -7.42
C ASN A 27 0.94 -17.75 -5.93
N GLN A 28 0.85 -16.52 -5.44
CA GLN A 28 0.67 -16.30 -4.02
C GLN A 28 -0.02 -14.97 -3.82
N ALA A 29 -1.14 -14.97 -3.10
CA ALA A 29 -1.80 -13.73 -2.70
C ALA A 29 -2.12 -12.83 -3.89
N GLY A 30 -2.53 -13.43 -5.00
CA GLY A 30 -2.88 -12.64 -6.17
C GLY A 30 -1.69 -12.12 -6.96
N CYS A 31 -0.48 -12.48 -6.55
CA CYS A 31 0.75 -12.10 -7.25
C CYS A 31 1.29 -13.31 -7.98
N THR A 32 2.09 -13.07 -9.02
CA THR A 32 2.83 -14.15 -9.67
C THR A 32 4.31 -13.82 -9.65
N PHE A 33 5.11 -14.79 -9.25
CA PHE A 33 6.55 -14.71 -9.16
C PHE A 33 7.15 -15.69 -10.15
N TYR A 34 7.92 -15.18 -11.09
CA TYR A 34 8.63 -16.02 -12.05
C TYR A 34 10.10 -15.96 -11.69
N SER A 35 10.71 -17.09 -11.37
CA SER A 35 12.13 -17.08 -11.06
C SER A 35 12.93 -17.96 -12.02
N GLY A 36 14.20 -17.60 -12.19
CA GLY A 36 15.09 -18.33 -13.07
C GLY A 36 16.27 -17.45 -13.38
N GLN A 37 16.77 -17.57 -14.60
CA GLN A 37 17.90 -16.78 -15.04
C GLN A 37 17.62 -16.06 -16.35
N ILE A 38 18.09 -14.82 -16.47
CA ILE A 38 18.10 -14.10 -17.73
C ILE A 38 19.56 -13.87 -18.03
N GLN A 39 20.02 -14.39 -19.16
CA GLN A 39 21.44 -14.30 -19.57
C GLN A 39 22.40 -14.62 -18.43
N GLY A 40 22.15 -15.71 -17.72
CA GLY A 40 23.07 -16.19 -16.71
C GLY A 40 23.05 -15.49 -15.37
N VAL A 41 22.07 -14.63 -15.11
CA VAL A 41 21.93 -14.05 -13.78
C VAL A 41 20.55 -14.36 -13.19
N ASP A 42 20.54 -14.70 -11.91
CA ASP A 42 19.33 -15.02 -11.20
C ASP A 42 18.40 -13.82 -11.17
N VAL A 43 17.16 -14.04 -11.54
CA VAL A 43 16.13 -13.02 -11.42
C VAL A 43 14.88 -13.57 -10.80
N VAL A 44 14.09 -12.67 -10.21
CA VAL A 44 12.73 -12.98 -9.79
C VAL A 44 11.89 -11.83 -10.32
N LEU A 45 10.97 -12.19 -11.19
CA LEU A 45 10.07 -11.26 -11.83
C LEU A 45 8.70 -11.36 -11.17
N LEU A 46 8.29 -10.26 -10.54
CA LEU A 46 7.00 -10.15 -9.86
C LEU A 46 6.00 -9.40 -10.72
N GLN A 47 4.85 -10.03 -10.99
CA GLN A 47 3.69 -9.35 -11.54
C GLN A 47 2.79 -9.03 -10.34
N SER A 48 2.78 -7.77 -9.94
CA SER A 48 2.20 -7.39 -8.65
C SER A 48 0.70 -7.14 -8.68
N GLY A 49 0.18 -6.77 -9.85
CA GLY A 49 -1.11 -6.14 -9.90
C GLY A 49 -0.98 -4.65 -9.71
N ILE A 50 -2.09 -3.96 -9.90
CA ILE A 50 -2.10 -2.51 -9.99
C ILE A 50 -2.29 -1.85 -8.62
N GLY A 51 -1.60 -0.75 -8.41
CA GLY A 51 -1.83 0.12 -7.29
C GLY A 51 -0.93 -0.08 -6.10
N LYS A 52 -1.04 0.84 -5.15
CA LYS A 52 -0.05 0.92 -4.06
C LYS A 52 -0.11 -0.28 -3.13
N VAL A 53 -1.31 -0.73 -2.79
CA VAL A 53 -1.45 -1.84 -1.86
C VAL A 53 -0.91 -3.12 -2.47
N SER A 54 -1.31 -3.42 -3.72
CA SER A 54 -0.85 -4.63 -4.37
C SER A 54 0.67 -4.59 -4.55
N ALA A 55 1.21 -3.43 -4.92
CA ALA A 55 2.65 -3.32 -5.12
C ALA A 55 3.40 -3.49 -3.77
N ALA A 56 2.88 -2.91 -2.69
CA ALA A 56 3.52 -3.03 -1.38
C ALA A 56 3.50 -4.48 -0.87
N LEU A 57 2.34 -5.11 -0.97
CA LEU A 57 2.17 -6.52 -0.58
C LEU A 57 3.14 -7.39 -1.37
N GLY A 58 3.13 -7.23 -2.68
CA GLY A 58 3.98 -8.02 -3.53
C GLY A 58 5.45 -7.82 -3.27
N THR A 59 5.87 -6.57 -3.07
CA THR A 59 7.26 -6.27 -2.84
C THR A 59 7.71 -6.85 -1.50
N ALA A 60 6.83 -6.82 -0.51
CA ALA A 60 7.16 -7.37 0.81
C ALA A 60 7.38 -8.88 0.69
N LEU A 61 6.52 -9.56 -0.06
CA LEU A 61 6.66 -11.01 -0.28
C LEU A 61 7.91 -11.29 -1.10
N LEU A 62 8.19 -10.45 -2.08
CA LEU A 62 9.39 -10.62 -2.90
C LEU A 62 10.64 -10.55 -2.04
N ILE A 63 10.77 -9.51 -1.24
CA ILE A 63 12.02 -9.31 -0.50
C ILE A 63 12.15 -10.36 0.62
N SER A 64 11.07 -10.58 1.37
CA SER A 64 11.14 -11.49 2.52
C SER A 64 11.39 -12.93 2.11
N GLN A 65 10.87 -13.36 0.97
CA GLN A 65 10.98 -14.76 0.53
C GLN A 65 12.12 -15.04 -0.45
N TYR A 66 12.47 -14.05 -1.29
CA TYR A 66 13.46 -14.29 -2.35
C TYR A 66 14.77 -13.55 -2.15
N ALA A 67 14.78 -12.53 -1.29
CA ALA A 67 15.97 -11.76 -0.97
C ALA A 67 16.77 -11.31 -2.20
N PRO A 68 16.12 -10.56 -3.10
CA PRO A 68 16.87 -9.99 -4.19
C PRO A 68 17.84 -8.94 -3.68
N ASP A 69 18.96 -8.78 -4.38
CA ASP A 69 19.95 -7.79 -3.97
C ASP A 69 19.58 -6.38 -4.41
N VAL A 70 18.81 -6.28 -5.50
CA VAL A 70 18.33 -5.00 -6.00
C VAL A 70 16.93 -5.21 -6.57
N VAL A 71 16.20 -4.12 -6.69
CA VAL A 71 14.86 -4.12 -7.24
C VAL A 71 14.75 -3.08 -8.35
N ILE A 72 14.30 -3.54 -9.52
CA ILE A 72 14.00 -2.65 -10.65
C ILE A 72 12.50 -2.71 -10.95
N ASN A 73 11.87 -1.54 -10.94
CA ASN A 73 10.45 -1.42 -11.28
C ASN A 73 10.34 -1.02 -12.74
N THR A 74 9.67 -1.87 -13.51
CA THR A 74 9.49 -1.70 -14.97
C THR A 74 8.02 -1.41 -15.26
N GLY A 75 7.75 -0.91 -16.45
CA GLY A 75 6.38 -0.74 -16.93
C GLY A 75 6.14 0.63 -17.55
N SER A 76 4.87 1.00 -17.56
CA SER A 76 4.39 2.22 -18.23
C SER A 76 4.30 3.37 -17.24
N ALA A 77 4.06 4.57 -17.77
CA ALA A 77 3.90 5.75 -16.92
C ALA A 77 3.26 6.86 -17.74
N GLY A 78 2.64 7.80 -17.02
CA GLY A 78 2.07 9.01 -17.60
C GLY A 78 3.07 10.12 -17.56
N GLY A 79 3.39 10.67 -18.74
CA GLY A 79 4.46 11.67 -18.85
C GLY A 79 4.03 13.06 -18.44
N PHE A 80 4.89 13.72 -17.65
CA PHE A 80 4.71 15.12 -17.26
C PHE A 80 5.77 16.02 -17.92
N ASP A 81 7.00 15.55 -18.04
CA ASP A 81 8.07 16.33 -18.71
C ASP A 81 7.68 16.58 -20.17
N ALA A 82 7.82 17.83 -20.59
CA ALA A 82 7.40 18.26 -21.93
C ALA A 82 8.09 17.56 -23.09
N SER A 83 9.29 17.03 -22.87
CA SER A 83 10.05 16.39 -23.92
C SER A 83 9.65 14.94 -24.16
N LEU A 84 8.78 14.39 -23.31
CA LEU A 84 8.41 13.00 -23.44
C LEU A 84 7.29 12.72 -24.42
N ASN A 85 7.57 11.84 -25.38
CA ASN A 85 6.57 11.28 -26.26
C ASN A 85 6.35 9.84 -25.88
N VAL A 86 5.26 9.25 -26.37
CA VAL A 86 4.98 7.86 -26.09
C VAL A 86 6.17 7.00 -26.52
N GLY A 87 6.55 6.08 -25.63
CA GLY A 87 7.67 5.20 -25.87
C GLY A 87 8.97 5.63 -25.22
N ASP A 88 9.06 6.90 -24.83
CA ASP A 88 10.27 7.43 -24.20
C ASP A 88 10.39 6.87 -22.79
N VAL A 89 11.62 6.83 -22.29
CA VAL A 89 11.95 6.20 -21.00
C VAL A 89 12.07 7.24 -19.89
N VAL A 90 11.62 6.87 -18.68
CA VAL A 90 11.85 7.67 -17.49
C VAL A 90 12.59 6.84 -16.46
N ILE A 91 13.62 7.45 -15.87
CA ILE A 91 14.44 6.85 -14.84
C ILE A 91 14.24 7.65 -13.56
N SER A 92 13.90 6.99 -12.46
CA SER A 92 13.75 7.70 -11.20
C SER A 92 15.08 8.16 -10.64
N SER A 93 15.14 9.44 -10.31
CA SER A 93 16.12 9.94 -9.35
C SER A 93 15.61 9.68 -7.93
N GLU A 94 14.31 9.83 -7.77
CA GLU A 94 13.64 9.63 -6.49
C GLU A 94 12.16 9.47 -6.76
N VAL A 95 11.47 9.00 -5.74
CA VAL A 95 10.04 8.75 -5.85
C VAL A 95 9.31 9.32 -4.64
N ARG A 96 8.14 9.87 -4.91
CA ARG A 96 7.28 10.42 -3.86
C ARG A 96 5.83 10.03 -4.08
N HIS A 97 5.07 9.96 -2.99
CA HIS A 97 3.62 9.76 -3.07
C HIS A 97 2.96 11.10 -3.41
N HIS A 98 2.36 11.26 -4.58
CA HIS A 98 1.71 12.55 -4.87
C HIS A 98 0.40 12.73 -4.12
N ASP A 99 -0.17 11.63 -3.66
CA ASP A 99 -1.46 11.67 -2.97
C ASP A 99 -1.38 11.50 -1.45
N ALA A 100 -0.19 11.58 -0.88
CA ALA A 100 -0.04 11.57 0.58
C ALA A 100 -0.10 12.99 1.13
N ASP A 101 -0.87 13.17 2.21
CA ASP A 101 -0.98 14.51 2.84
C ASP A 101 -1.25 14.42 4.32
N VAL A 102 -0.17 14.50 5.10
CA VAL A 102 -0.26 14.66 6.55
C VAL A 102 0.46 15.97 6.91
N THR A 103 0.27 16.99 6.09
CA THR A 103 0.84 18.31 6.39
C THR A 103 0.28 18.89 7.70
N ALA A 104 -0.87 18.39 8.15
CA ALA A 104 -1.43 18.86 9.41
C ALA A 104 -0.49 18.64 10.60
N PHE A 105 0.37 17.62 10.53
CA PHE A 105 1.33 17.32 11.59
C PHE A 105 2.77 17.67 11.23
N GLY A 106 2.93 18.60 10.29
CA GLY A 106 4.25 19.16 10.00
C GLY A 106 5.03 18.51 8.88
N TYR A 107 4.52 17.41 8.34
CA TYR A 107 5.22 16.72 7.27
C TYR A 107 5.13 17.51 5.96
N GLU A 108 6.10 17.29 5.08
CA GLU A 108 6.06 17.83 3.70
C GLU A 108 4.90 17.23 2.95
N ILE A 109 4.36 17.97 1.98
CA ILE A 109 3.32 17.36 1.11
C ILE A 109 3.94 16.12 0.46
N GLY A 110 3.18 15.02 0.42
CA GLY A 110 3.66 13.76 -0.13
C GLY A 110 4.39 12.85 0.84
N GLN A 111 4.81 13.39 1.97
CA GLN A 111 5.55 12.61 2.96
C GLN A 111 4.60 11.82 3.87
N MET A 112 4.90 10.53 4.02
CA MET A 112 4.14 9.71 4.94
CA MET A 112 4.18 9.65 4.92
C MET A 112 4.83 9.71 6.30
N PRO A 113 4.05 9.85 7.38
CA PRO A 113 4.64 9.81 8.72
C PRO A 113 5.48 8.59 8.92
N GLY A 114 6.68 8.76 9.47
CA GLY A 114 7.59 7.65 9.68
C GLY A 114 8.50 7.37 8.50
N GLN A 115 8.37 8.15 7.42
CA GLN A 115 9.17 7.99 6.24
C GLN A 115 9.89 9.29 5.88
N PRO A 116 10.98 9.17 5.10
CA PRO A 116 11.52 10.37 4.48
C PRO A 116 10.55 10.93 3.46
N ALA A 117 10.69 12.20 3.11
CA ALA A 117 9.77 12.83 2.18
C ALA A 117 9.84 12.23 0.78
N ALA A 118 11.03 11.76 0.40
CA ALA A 118 11.26 11.12 -0.89
C ALA A 118 12.06 9.86 -0.68
N PHE A 119 11.91 8.92 -1.60
CA PHE A 119 12.69 7.71 -1.60
C PHE A 119 13.67 7.81 -2.74
N LYS A 120 14.94 7.97 -2.40
CA LYS A 120 15.98 8.13 -3.41
C LYS A 120 16.34 6.81 -4.06
N ALA A 121 16.42 6.81 -5.37
CA ALA A 121 16.89 5.66 -6.11
C ALA A 121 18.38 5.44 -5.84
N ASP A 122 18.80 4.19 -5.93
CA ASP A 122 20.17 3.82 -5.65
C ASP A 122 21.14 4.42 -6.67
N GLU A 123 22.23 5.00 -6.18
CA GLU A 123 23.17 5.67 -7.08
C GLU A 123 23.76 4.72 -8.13
N LYS A 124 24.20 3.53 -7.71
CA LYS A 124 24.76 2.57 -8.66
C LYS A 124 23.71 2.10 -9.66
N LEU A 125 22.46 1.94 -9.22
CA LEU A 125 21.42 1.50 -10.16
C LEU A 125 21.09 2.61 -11.17
N MET A 126 21.12 3.85 -10.72
CA MET A 126 20.94 4.97 -11.67
C MET A 126 22.08 4.98 -12.69
N THR A 127 23.29 4.78 -12.22
CA THR A 127 24.46 4.69 -13.12
C THR A 127 24.26 3.58 -14.17
N VAL A 128 23.85 2.40 -13.71
CA VAL A 128 23.57 1.30 -14.61
C VAL A 128 22.48 1.64 -15.63
N ALA A 129 21.41 2.29 -15.18
CA ALA A 129 20.38 2.76 -16.11
C ALA A 129 20.94 3.72 -17.16
N GLU A 130 21.82 4.61 -16.73
CA GLU A 130 22.45 5.57 -17.66
C GLU A 130 23.39 4.86 -18.65
N GLN A 131 24.08 3.83 -18.18
CA GLN A 131 24.93 3.01 -19.06
C GLN A 131 24.06 2.24 -20.09
N ALA A 132 22.93 1.73 -19.63
CA ALA A 132 22.00 1.02 -20.50
C ALA A 132 21.46 1.98 -21.57
N LEU A 133 21.13 3.21 -21.16
CA LEU A 133 20.64 4.22 -22.08
C LEU A 133 21.68 4.53 -23.17
N ALA A 134 22.95 4.64 -22.78
CA ALA A 134 24.04 4.87 -23.74
C ALA A 134 24.11 3.75 -24.77
N GLN A 135 23.74 2.52 -24.39
CA GLN A 135 23.76 1.39 -25.31
C GLN A 135 22.47 1.24 -26.13
N LEU A 136 21.51 2.14 -25.90
CA LEU A 136 20.25 2.20 -26.67
C LEU A 136 20.10 3.62 -27.18
N PRO A 137 20.96 4.06 -28.11
CA PRO A 137 21.05 5.47 -28.51
C PRO A 137 19.78 6.08 -29.12
N ASN A 138 18.93 5.25 -29.69
CA ASN A 138 17.68 5.76 -30.25
C ASN A 138 16.55 5.88 -29.23
N THR A 139 16.86 5.63 -27.96
CA THR A 139 15.90 5.84 -26.90
C THR A 139 16.12 7.21 -26.29
N HIS A 140 15.06 7.99 -26.21
CA HIS A 140 15.07 9.24 -25.47
C HIS A 140 14.58 8.95 -24.05
N ALA A 141 15.32 9.43 -23.06
CA ALA A 141 14.97 9.28 -21.66
C ALA A 141 15.14 10.56 -20.87
N VAL A 142 14.35 10.68 -19.80
CA VAL A 142 14.49 11.73 -18.81
C VAL A 142 14.68 11.08 -17.44
N ARG A 143 15.58 11.63 -16.64
CA ARG A 143 15.80 11.19 -15.26
C ARG A 143 15.26 12.25 -14.33
N GLY A 144 14.49 11.83 -13.33
CA GLY A 144 13.87 12.78 -12.44
C GLY A 144 12.87 12.16 -11.50
N LEU A 145 12.08 13.02 -10.88
CA LEU A 145 11.12 12.62 -9.87
C LEU A 145 9.95 11.87 -10.50
N ILE A 146 9.65 10.69 -9.97
CA ILE A 146 8.44 9.97 -10.33
C ILE A 146 7.49 10.02 -9.14
N CYS A 147 6.24 10.41 -9.41
CA CYS A 147 5.21 10.52 -8.37
C CYS A 147 4.14 9.46 -8.55
N THR A 148 3.75 8.85 -7.44
CA THR A 148 2.81 7.75 -7.44
C THR A 148 1.54 8.11 -6.65
N GLY A 149 0.40 7.66 -7.15
CA GLY A 149 -0.84 7.69 -6.41
C GLY A 149 -1.73 6.55 -6.84
N ASP A 150 -2.86 6.37 -6.14
CA ASP A 150 -3.80 5.32 -6.47
C ASP A 150 -4.85 5.86 -7.45
N ALA A 151 -4.42 6.73 -8.36
CA ALA A 151 -5.33 7.24 -9.38
C ALA A 151 -4.64 7.26 -10.74
N PHE A 152 -5.43 7.03 -11.77
CA PHE A 152 -4.99 7.19 -13.16
C PHE A 152 -5.20 8.68 -13.47
N ILE A 153 -4.11 9.38 -13.76
CA ILE A 153 -4.15 10.83 -13.93
C ILE A 153 -4.51 11.16 -15.38
N CYS A 154 -5.62 11.86 -15.57
CA CYS A 154 -6.15 12.06 -16.91
C CYS A 154 -7.01 13.31 -17.02
N THR A 155 -6.76 14.29 -16.16
CA THR A 155 -7.54 15.52 -16.12
C THR A 155 -6.64 16.70 -15.83
N ALA A 156 -7.11 17.87 -16.26
CA ALA A 156 -6.37 19.09 -16.03
C ALA A 156 -6.19 19.35 -14.55
N GLU A 157 -7.24 19.13 -13.77
CA GLU A 157 -7.19 19.31 -12.32
C GLU A 157 -6.15 18.40 -11.69
N GLY A 158 -6.11 17.15 -12.16
CA GLY A 158 -5.17 16.15 -11.63
C GLY A 158 -3.73 16.53 -11.90
N GLN A 159 -3.47 16.92 -13.15
CA GLN A 159 -2.16 17.46 -13.51
C GLN A 159 -1.78 18.70 -12.72
N GLN A 160 -2.72 19.63 -12.59
CA GLN A 160 -2.49 20.87 -11.85
C GLN A 160 -2.06 20.62 -10.41
N PHE A 161 -2.77 19.74 -9.70
CA PHE A 161 -2.48 19.51 -8.29
C PHE A 161 -1.09 18.93 -8.16
N ILE A 162 -0.75 17.97 -9.02
CA ILE A 162 0.52 17.29 -8.91
C ILE A 162 1.66 18.25 -9.25
N ARG A 163 1.49 19.05 -10.31
CA ARG A 163 2.52 20.01 -10.67
C ARG A 163 2.65 21.11 -9.62
N GLN A 164 1.54 21.51 -9.02
CA GLN A 164 1.58 22.55 -7.98
C GLN A 164 2.42 22.06 -6.80
N HIS A 165 2.22 20.81 -6.39
CA HIS A 165 2.90 20.30 -5.20
C HIS A 165 4.26 19.66 -5.45
N PHE A 166 4.47 19.19 -6.67
CA PHE A 166 5.71 18.53 -7.09
C PHE A 166 6.13 19.07 -8.45
N PRO A 167 6.55 20.34 -8.51
CA PRO A 167 6.77 20.92 -9.84
C PRO A 167 7.83 20.26 -10.71
N SER A 168 8.75 19.52 -10.12
CA SER A 168 9.81 18.85 -10.89
C SER A 168 9.43 17.46 -11.40
N VAL A 169 8.20 17.02 -11.10
CA VAL A 169 7.76 15.69 -11.52
C VAL A 169 7.97 15.43 -13.01
N VAL A 170 8.53 14.27 -13.35
CA VAL A 170 8.71 13.92 -14.77
C VAL A 170 7.67 12.94 -15.26
N ALA A 171 7.12 12.13 -14.36
CA ALA A 171 6.12 11.15 -14.76
C ALA A 171 5.34 10.68 -13.54
N VAL A 172 4.16 10.14 -13.79
CA VAL A 172 3.33 9.60 -12.71
C VAL A 172 2.95 8.18 -13.01
N GLU A 173 2.68 7.44 -11.95
CA GLU A 173 2.20 6.08 -12.10
C GLU A 173 1.55 5.64 -10.78
N MET A 174 1.37 4.34 -10.55
CA MET A 174 0.51 3.88 -9.45
C MET A 174 1.14 2.88 -8.50
N GLU A 175 2.41 2.55 -8.69
CA GLU A 175 3.08 1.55 -7.84
C GLU A 175 4.44 1.96 -7.28
N ALA A 176 5.16 2.85 -7.97
CA ALA A 176 6.55 3.06 -7.62
C ALA A 176 6.80 3.48 -6.17
N SER A 177 6.00 4.37 -5.62
CA SER A 177 6.24 4.83 -4.27
C SER A 177 6.03 3.70 -3.27
N ALA A 178 5.11 2.80 -3.60
CA ALA A 178 4.87 1.62 -2.75
C ALA A 178 6.07 0.70 -2.75
N ILE A 179 6.61 0.46 -3.93
CA ILE A 179 7.79 -0.37 -4.10
C ILE A 179 8.96 0.29 -3.39
N ALA A 180 9.13 1.58 -3.65
CA ALA A 180 10.25 2.35 -3.09
C ALA A 180 10.20 2.41 -1.57
N GLN A 181 9.02 2.67 -1.00
CA GLN A 181 8.88 2.74 0.45
C GLN A 181 9.13 1.36 1.05
N THR A 182 8.63 0.32 0.41
CA THR A 182 8.85 -1.02 0.93
C THR A 182 10.36 -1.32 0.89
N CYS A 183 11.01 -1.03 -0.23
CA CYS A 183 12.46 -1.20 -0.31
C CYS A 183 13.18 -0.38 0.74
N HIS A 184 12.70 0.81 1.04
CA HIS A 184 13.29 1.62 2.10
C HIS A 184 13.20 0.91 3.46
N GLN A 185 12.02 0.36 3.76
CA GLN A 185 11.82 -0.31 5.03
C GLN A 185 12.66 -1.56 5.16
N PHE A 186 12.89 -2.24 4.03
CA PHE A 186 13.76 -3.44 3.99
C PHE A 186 15.26 -3.13 3.74
N LYS A 187 15.59 -1.87 3.46
CA LYS A 187 16.94 -1.44 3.13
C LYS A 187 17.50 -2.16 1.90
N VAL A 188 16.69 -2.18 0.83
CA VAL A 188 17.06 -2.80 -0.45
C VAL A 188 17.12 -1.74 -1.55
N PRO A 189 18.23 -1.67 -2.31
CA PRO A 189 18.33 -0.65 -3.35
C PRO A 189 17.30 -0.83 -4.45
N PHE A 190 16.74 0.26 -4.96
CA PHE A 190 15.76 0.19 -6.04
C PHE A 190 16.05 1.26 -7.08
N VAL A 191 15.48 1.05 -8.26
CA VAL A 191 15.37 2.10 -9.26
C VAL A 191 14.09 1.82 -10.07
N VAL A 192 13.48 2.88 -10.58
CA VAL A 192 12.34 2.78 -11.48
C VAL A 192 12.82 3.08 -12.89
N VAL A 193 12.52 2.19 -13.83
CA VAL A 193 12.84 2.40 -15.25
C VAL A 193 11.59 2.04 -16.03
N ARG A 194 10.80 3.07 -16.32
CA ARG A 194 9.52 2.90 -16.98
C ARG A 194 9.51 3.62 -18.33
N ALA A 195 8.43 3.50 -19.08
CA ALA A 195 8.31 4.22 -20.35
C ALA A 195 6.92 4.79 -20.52
N ILE A 196 6.81 5.78 -21.38
CA ILE A 196 5.61 6.60 -21.44
C ILE A 196 4.55 6.01 -22.34
N SER A 197 3.34 5.88 -21.80
CA SER A 197 2.21 5.35 -22.54
C SER A 197 1.22 6.44 -22.96
N ASP A 198 1.35 7.61 -22.34
CA ASP A 198 0.33 8.67 -22.40
C ASP A 198 0.89 9.87 -21.65
N VAL A 199 0.26 11.05 -21.77
CA VAL A 199 0.76 12.25 -21.06
C VAL A 199 -0.24 12.79 -20.02
N ALA A 200 -0.88 11.85 -19.33
CA ALA A 200 -1.70 12.13 -18.16
C ALA A 200 -2.71 13.25 -18.37
N ASP A 201 -3.50 13.14 -19.44
CA ASP A 201 -4.47 14.17 -19.74
C ASP A 201 -5.74 13.54 -20.30
N LYS A 202 -6.65 14.36 -20.84
CA LYS A 202 -7.91 13.82 -21.34
C LYS A 202 -7.76 12.74 -22.44
N GLU A 203 -6.63 12.69 -23.13
CA GLU A 203 -6.39 11.69 -24.17
C GLU A 203 -5.79 10.39 -23.63
N SER A 204 -5.48 10.39 -22.33
CA SER A 204 -4.74 9.26 -21.75
C SER A 204 -5.42 7.89 -21.81
N PRO A 205 -6.73 7.81 -21.58
CA PRO A 205 -7.33 6.48 -21.62
C PRO A 205 -7.11 5.79 -22.98
N LEU A 206 -7.38 6.50 -24.06
CA LEU A 206 -7.15 5.92 -25.38
C LEU A 206 -5.65 5.78 -25.69
N SER A 207 -4.83 6.74 -25.29
CA SER A 207 -3.39 6.63 -25.51
C SER A 207 -2.82 5.41 -24.79
N PHE A 208 -3.24 5.22 -23.54
CA PHE A 208 -2.75 4.11 -22.76
C PHE A 208 -3.07 2.76 -23.42
N GLU A 209 -4.29 2.60 -23.88
CA GLU A 209 -4.69 1.38 -24.58
C GLU A 209 -3.84 1.15 -25.82
N GLU A 210 -3.58 2.21 -26.58
CA GLU A 210 -2.83 2.07 -27.81
C GLU A 210 -1.34 1.81 -27.55
N PHE A 211 -0.79 2.48 -26.54
CA PHE A 211 0.66 2.54 -26.39
C PHE A 211 1.24 1.79 -25.19
N LEU A 212 0.39 1.10 -24.40
CA LEU A 212 0.92 0.23 -23.36
C LEU A 212 1.96 -0.77 -23.93
N PRO A 213 1.65 -1.43 -25.06
CA PRO A 213 2.66 -2.34 -25.63
C PRO A 213 3.99 -1.66 -25.99
N LEU A 214 3.95 -0.46 -26.58
CA LEU A 214 5.18 0.26 -26.87
C LEU A 214 5.96 0.59 -25.60
N ALA A 215 5.25 1.02 -24.57
CA ALA A 215 5.88 1.38 -23.31
C ALA A 215 6.53 0.14 -22.68
N ALA A 216 5.83 -0.98 -22.70
CA ALA A 216 6.40 -2.23 -22.19
C ALA A 216 7.65 -2.61 -22.98
N LYS A 217 7.60 -2.47 -24.32
CA LYS A 217 8.76 -2.78 -25.16
C LYS A 217 9.97 -1.93 -24.78
N SER A 218 9.77 -0.62 -24.66
CA SER A 218 10.84 0.32 -24.41
CA SER A 218 10.86 0.32 -24.41
C SER A 218 11.47 0.14 -23.01
N SER A 219 10.61 0.00 -22.01
CA SER A 219 11.05 -0.22 -20.63
CA SER A 219 11.06 -0.20 -20.64
C SER A 219 11.79 -1.54 -20.51
N SER A 220 11.21 -2.58 -21.11
CA SER A 220 11.78 -3.92 -21.03
C SER A 220 13.16 -4.00 -21.69
N ALA A 221 13.35 -3.31 -22.79
CA ALA A 221 14.66 -3.31 -23.46
C ALA A 221 15.73 -2.67 -22.55
N MET A 222 15.39 -1.58 -21.88
CA MET A 222 16.29 -0.97 -20.91
C MET A 222 16.61 -1.93 -19.77
N VAL A 223 15.59 -2.56 -19.21
CA VAL A 223 15.82 -3.46 -18.10
C VAL A 223 16.70 -4.65 -18.50
N LEU A 224 16.48 -5.19 -19.69
CA LEU A 224 17.33 -6.27 -20.16
C LEU A 224 18.81 -5.81 -20.25
N LYS A 225 19.05 -4.62 -20.77
CA LYS A 225 20.42 -4.11 -20.85
C LYS A 225 20.99 -3.96 -19.46
N MET A 226 20.18 -3.51 -18.51
CA MET A 226 20.64 -3.34 -17.13
C MET A 226 21.00 -4.66 -16.49
N VAL A 227 20.23 -5.70 -16.76
CA VAL A 227 20.52 -7.05 -16.25
C VAL A 227 21.89 -7.50 -16.76
N GLU A 228 22.15 -7.28 -18.04
CA GLU A 228 23.43 -7.67 -18.65
C GLU A 228 24.61 -6.91 -18.02
N LEU A 229 24.43 -5.62 -17.82
CA LEU A 229 25.47 -4.80 -17.18
C LEU A 229 25.73 -5.25 -15.74
N LEU A 230 24.68 -5.52 -14.98
CA LEU A 230 24.84 -5.91 -13.57
C LEU A 230 25.52 -7.26 -13.46
N LYS A 231 25.24 -8.17 -14.37
CA LYS A 231 25.93 -9.45 -14.37
C LYS A 231 27.43 -9.23 -14.58
N GLU A 232 27.78 -8.33 -15.49
CA GLU A 232 29.20 -8.12 -15.81
C GLU A 232 29.95 -7.35 -14.73
N ASN A 233 29.33 -6.32 -14.15
CA ASN A 233 30.12 -5.30 -13.47
C ASN A 233 30.44 -5.55 -12.00
N LEU A 234 29.78 -6.49 -11.34
CA LEU A 234 29.99 -6.76 -9.90
C LEU A 234 29.72 -5.55 -8.97
N TYR A 235 28.85 -4.64 -9.42
CA TYR A 235 28.45 -3.51 -8.59
C TYR A 235 27.79 -3.97 -7.30
N PHE A 236 27.08 -5.09 -7.36
CA PHE A 236 26.38 -5.67 -6.23
C PHE A 236 26.78 -7.13 -6.06
N GLN A 237 27.30 -7.48 -4.88
CA GLN A 237 27.74 -8.85 -4.59
C GLN A 237 26.55 -9.82 -4.54
N MET B 1 -6.65 -21.57 17.74
CA MET B 1 -6.74 -20.53 16.67
C MET B 1 -5.73 -19.44 16.96
N LYS B 2 -5.42 -18.64 15.95
CA LYS B 2 -4.48 -17.53 16.10
C LYS B 2 -5.14 -16.25 15.59
N ILE B 3 -5.21 -15.26 16.46
CA ILE B 3 -5.79 -13.96 16.13
C ILE B 3 -4.69 -12.97 15.78
N GLY B 4 -4.76 -12.39 14.58
CA GLY B 4 -3.87 -11.30 14.18
C GLY B 4 -4.54 -10.00 14.51
N ILE B 5 -3.84 -9.15 15.26
CA ILE B 5 -4.35 -7.82 15.62
C ILE B 5 -3.38 -6.81 15.04
N ILE B 6 -3.89 -5.81 14.31
CA ILE B 6 -3.02 -4.85 13.66
C ILE B 6 -3.38 -3.45 14.06
N GLY B 7 -2.39 -2.67 14.50
CA GLY B 7 -2.57 -1.24 14.69
C GLY B 7 -1.40 -0.51 14.07
N ALA B 8 -1.62 0.74 13.68
CA ALA B 8 -0.57 1.53 13.02
C ALA B 8 0.47 2.11 13.97
N MET B 9 0.00 2.71 15.05
CA MET B 9 0.83 3.52 15.93
C MET B 9 1.13 2.79 17.24
N GLN B 10 2.28 3.12 17.82
CA GLN B 10 2.63 2.61 19.15
C GLN B 10 1.50 2.84 20.16
N GLN B 11 0.92 4.04 20.15
CA GLN B 11 -0.15 4.42 21.09
C GLN B 11 -1.40 3.55 20.91
N GLU B 12 -1.63 3.09 19.70
CA GLU B 12 -2.78 2.27 19.39
C GLU B 12 -2.64 0.83 19.84
N VAL B 13 -1.41 0.31 19.88
CA VAL B 13 -1.20 -1.08 20.23
C VAL B 13 -0.76 -1.29 21.67
N ALA B 14 -0.49 -0.21 22.41
CA ALA B 14 0.16 -0.36 23.73
C ALA B 14 -0.69 -1.13 24.74
N ILE B 15 -1.98 -0.87 24.77
CA ILE B 15 -2.84 -1.52 25.76
C ILE B 15 -2.87 -3.03 25.53
N LEU B 16 -3.07 -3.43 24.28
CA LEU B 16 -3.12 -4.84 23.95
C LEU B 16 -1.76 -5.51 24.12
N LYS B 17 -0.68 -4.82 23.72
CA LYS B 17 0.68 -5.36 23.87
C LYS B 17 0.93 -5.83 25.31
N ASP B 18 0.51 -5.01 26.26
CA ASP B 18 0.75 -5.30 27.70
C ASP B 18 -0.02 -6.50 28.21
N LEU B 19 -1.02 -6.95 27.46
CA LEU B 19 -1.79 -8.14 27.82
C LEU B 19 -1.25 -9.45 27.28
N ILE B 20 -0.25 -9.39 26.40
CA ILE B 20 0.23 -10.60 25.77
C ILE B 20 1.13 -11.30 26.76
N GLU B 21 0.82 -12.56 27.00
CA GLU B 21 1.63 -13.38 27.89
C GLU B 21 2.64 -14.18 27.10
N ASP B 22 3.77 -14.45 27.74
CA ASP B 22 4.86 -15.20 27.11
C ASP B 22 5.26 -14.53 25.79
N VAL B 23 5.30 -13.19 25.85
CA VAL B 23 5.47 -12.35 24.66
C VAL B 23 6.84 -12.56 24.01
N GLN B 24 6.83 -12.67 22.68
CA GLN B 24 8.03 -12.76 21.86
C GLN B 24 7.96 -11.61 20.87
N GLU B 25 9.03 -10.84 20.75
CA GLU B 25 9.04 -9.65 19.89
C GLU B 25 9.99 -9.84 18.72
N VAL B 26 9.51 -9.50 17.52
CA VAL B 26 10.31 -9.55 16.28
C VAL B 26 10.18 -8.18 15.62
N ASN B 27 11.31 -7.61 15.21
CA ASN B 27 11.33 -6.39 14.41
C ASN B 27 11.79 -6.74 13.01
N GLN B 28 11.01 -6.33 12.00
CA GLN B 28 11.29 -6.68 10.62
C GLN B 28 10.72 -5.60 9.71
N ALA B 29 11.54 -5.07 8.82
CA ALA B 29 11.10 -4.07 7.83
C ALA B 29 10.24 -2.94 8.41
N GLY B 30 10.63 -2.40 9.57
CA GLY B 30 9.88 -1.30 10.18
C GLY B 30 8.63 -1.72 10.95
N CYS B 31 8.37 -3.03 10.99
CA CYS B 31 7.22 -3.59 11.68
C CYS B 31 7.68 -4.20 12.99
N THR B 32 6.80 -4.22 13.98
CA THR B 32 7.04 -4.98 15.20
C THR B 32 5.91 -5.97 15.37
N PHE B 33 6.29 -7.24 15.60
CA PHE B 33 5.34 -8.31 15.82
C PHE B 33 5.51 -8.80 17.24
N TYR B 34 4.44 -8.76 18.01
CA TYR B 34 4.41 -9.34 19.36
C TYR B 34 3.55 -10.60 19.34
N SER B 35 4.17 -11.75 19.58
CA SER B 35 3.45 -13.01 19.60
CA SER B 35 3.49 -13.04 19.59
C SER B 35 3.41 -13.59 21.00
N GLY B 36 2.29 -14.24 21.31
CA GLY B 36 2.12 -14.85 22.60
C GLY B 36 0.68 -15.26 22.70
N GLN B 37 0.16 -15.25 23.92
CA GLN B 37 -1.21 -15.63 24.13
C GLN B 37 -1.94 -14.59 24.95
N ILE B 38 -3.23 -14.48 24.71
CA ILE B 38 -4.10 -13.86 25.65
C ILE B 38 -5.11 -14.94 26.06
N GLN B 39 -5.11 -15.28 27.35
CA GLN B 39 -6.02 -16.25 27.89
C GLN B 39 -5.99 -17.54 27.09
N GLY B 40 -4.79 -17.98 26.74
CA GLY B 40 -4.60 -19.24 26.01
C GLY B 40 -4.84 -19.17 24.51
N VAL B 41 -5.38 -18.04 24.02
CA VAL B 41 -5.61 -17.80 22.60
C VAL B 41 -4.33 -17.25 22.02
N ASP B 42 -3.82 -17.92 20.99
CA ASP B 42 -2.64 -17.44 20.29
C ASP B 42 -2.97 -16.09 19.62
N VAL B 43 -2.12 -15.11 19.85
CA VAL B 43 -2.27 -13.79 19.21
C VAL B 43 -0.96 -13.35 18.61
N VAL B 44 -1.02 -12.62 17.50
CA VAL B 44 0.13 -11.90 16.98
C VAL B 44 -0.34 -10.47 16.76
N LEU B 45 0.30 -9.54 17.46
CA LEU B 45 -0.04 -8.12 17.41
C LEU B 45 1.03 -7.43 16.56
N LEU B 46 0.59 -6.79 15.47
CA LEU B 46 1.47 -6.08 14.57
C LEU B 46 1.33 -4.59 14.76
N GLN B 47 2.44 -3.91 14.99
CA GLN B 47 2.52 -2.46 14.90
C GLN B 47 3.17 -2.13 13.55
N SER B 48 2.38 -1.64 12.59
CA SER B 48 2.80 -1.58 11.19
C SER B 48 3.43 -0.27 10.76
N GLY B 49 3.11 0.79 11.47
CA GLY B 49 3.38 2.14 10.98
C GLY B 49 2.17 2.65 10.22
N ILE B 50 2.23 3.93 9.87
CA ILE B 50 1.09 4.67 9.36
C ILE B 50 0.98 4.58 7.84
N GLY B 51 -0.26 4.47 7.36
CA GLY B 51 -0.54 4.59 5.94
C GLY B 51 -0.70 3.31 5.17
N LYS B 52 -1.10 3.45 3.91
CA LYS B 52 -1.53 2.28 3.18
C LYS B 52 -0.37 1.35 2.88
N VAL B 53 0.77 1.91 2.46
CA VAL B 53 1.90 1.06 2.11
C VAL B 53 2.45 0.31 3.34
N SER B 54 2.70 1.03 4.43
CA SER B 54 3.17 0.37 5.65
C SER B 54 2.17 -0.71 6.11
N ALA B 55 0.89 -0.40 6.07
CA ALA B 55 -0.11 -1.39 6.51
C ALA B 55 -0.15 -2.63 5.61
N ALA B 56 -0.07 -2.43 4.30
CA ALA B 56 -0.07 -3.53 3.34
C ALA B 56 1.16 -4.43 3.49
N LEU B 57 2.32 -3.79 3.61
CA LEU B 57 3.59 -4.50 3.79
C LEU B 57 3.53 -5.32 5.08
N GLY B 58 3.10 -4.67 6.18
CA GLY B 58 3.01 -5.34 7.48
C GLY B 58 2.02 -6.48 7.45
N THR B 59 0.88 -6.26 6.85
CA THR B 59 -0.14 -7.31 6.77
C THR B 59 0.34 -8.50 5.95
N ALA B 60 1.06 -8.23 4.86
CA ALA B 60 1.60 -9.30 4.04
C ALA B 60 2.61 -10.13 4.82
N LEU B 61 3.46 -9.47 5.60
CA LEU B 61 4.43 -10.19 6.44
C LEU B 61 3.72 -10.98 7.54
N LEU B 62 2.68 -10.39 8.11
CA LEU B 62 1.91 -11.05 9.15
C LEU B 62 1.31 -12.32 8.63
N ILE B 63 0.61 -12.25 7.51
CA ILE B 63 -0.13 -13.40 7.02
C ILE B 63 0.82 -14.48 6.51
N SER B 64 1.82 -14.08 5.73
CA SER B 64 2.75 -15.04 5.14
C SER B 64 3.59 -15.79 6.17
N GLN B 65 3.95 -15.12 7.27
CA GLN B 65 4.89 -15.70 8.24
C GLN B 65 4.23 -16.29 9.47
N TYR B 66 3.09 -15.73 9.88
CA TYR B 66 2.42 -16.15 11.11
C TYR B 66 1.09 -16.86 10.88
N ALA B 67 0.49 -16.71 9.72
CA ALA B 67 -0.72 -17.41 9.38
C ALA B 67 -1.84 -17.28 10.44
N PRO B 68 -2.20 -16.04 10.79
CA PRO B 68 -3.38 -15.86 11.63
C PRO B 68 -4.62 -16.36 10.94
N ASP B 69 -5.55 -16.88 11.74
CA ASP B 69 -6.85 -17.33 11.23
C ASP B 69 -7.79 -16.18 10.92
N VAL B 70 -7.63 -15.08 11.65
CA VAL B 70 -8.45 -13.89 11.45
C VAL B 70 -7.57 -12.68 11.72
N VAL B 71 -8.00 -11.54 11.19
CA VAL B 71 -7.33 -10.26 11.41
C VAL B 71 -8.31 -9.22 11.94
N ILE B 72 -7.93 -8.55 13.01
CA ILE B 72 -8.71 -7.45 13.58
C ILE B 72 -7.84 -6.20 13.56
N ASN B 73 -8.36 -5.12 12.96
CA ASN B 73 -7.66 -3.85 12.87
C ASN B 73 -8.17 -2.95 13.98
N THR B 74 -7.29 -2.58 14.90
CA THR B 74 -7.61 -1.73 16.05
C THR B 74 -7.01 -0.33 15.83
N GLY B 75 -7.55 0.67 16.53
CA GLY B 75 -6.99 1.99 16.48
C GLY B 75 -8.01 3.11 16.45
N SER B 76 -7.53 4.29 16.04
CA SER B 76 -8.32 5.50 15.99
C SER B 76 -8.92 5.74 14.59
N ALA B 77 -9.80 6.73 14.51
CA ALA B 77 -10.42 7.09 13.23
C ALA B 77 -11.06 8.46 13.34
N GLY B 78 -11.28 9.09 12.20
CA GLY B 78 -12.00 10.38 12.13
C GLY B 78 -13.46 10.13 11.83
N GLY B 79 -14.35 10.67 12.68
CA GLY B 79 -15.76 10.37 12.54
C GLY B 79 -16.44 11.19 11.44
N PHE B 80 -17.26 10.52 10.65
CA PHE B 80 -18.14 11.17 9.66
C PHE B 80 -19.64 11.03 10.00
N ASP B 81 -20.03 9.91 10.61
CA ASP B 81 -21.44 9.67 10.94
C ASP B 81 -21.83 10.62 12.05
N ALA B 82 -22.97 11.27 11.84
CA ALA B 82 -23.54 12.27 12.75
C ALA B 82 -23.63 11.79 14.19
N SER B 83 -23.98 10.52 14.36
CA SER B 83 -24.27 9.96 15.69
CA SER B 83 -24.27 9.98 15.69
C SER B 83 -23.02 9.58 16.47
N LEU B 84 -21.84 9.64 15.84
CA LEU B 84 -20.59 9.30 16.53
C LEU B 84 -20.03 10.47 17.32
N ASN B 85 -19.68 10.21 18.56
CA ASN B 85 -18.91 11.14 19.38
C ASN B 85 -17.51 10.62 19.61
N VAL B 86 -16.61 11.52 19.97
CA VAL B 86 -15.24 11.13 20.28
C VAL B 86 -15.25 10.08 21.39
N GLY B 87 -14.49 9.00 21.17
CA GLY B 87 -14.45 7.85 22.06
C GLY B 87 -15.32 6.67 21.66
N ASP B 88 -16.32 6.93 20.81
CA ASP B 88 -17.21 5.91 20.35
C ASP B 88 -16.50 4.96 19.40
N VAL B 89 -16.99 3.73 19.38
CA VAL B 89 -16.44 2.69 18.54
C VAL B 89 -17.06 2.73 17.14
N VAL B 90 -16.24 2.43 16.14
CA VAL B 90 -16.71 2.26 14.80
C VAL B 90 -16.28 0.90 14.25
N ILE B 91 -17.23 0.18 13.66
CA ILE B 91 -17.02 -1.17 13.15
C ILE B 91 -17.25 -1.17 11.66
N SER B 92 -16.34 -1.76 10.90
CA SER B 92 -16.52 -1.81 9.44
C SER B 92 -17.55 -2.84 9.02
N SER B 93 -18.59 -2.41 8.29
CA SER B 93 -19.32 -3.34 7.44
C SER B 93 -18.50 -3.71 6.22
N GLU B 94 -17.87 -2.69 5.65
CA GLU B 94 -17.01 -2.83 4.47
C GLU B 94 -16.03 -1.68 4.50
N VAL B 95 -14.99 -1.82 3.70
CA VAL B 95 -13.93 -0.81 3.61
C VAL B 95 -13.68 -0.48 2.15
N ARG B 96 -13.44 0.80 1.86
CA ARG B 96 -13.11 1.27 0.50
C ARG B 96 -11.94 2.23 0.57
N HIS B 97 -11.16 2.28 -0.51
CA HIS B 97 -10.17 3.36 -0.70
C HIS B 97 -10.88 4.65 -1.10
N HIS B 98 -10.88 5.68 -0.26
CA HIS B 98 -11.48 6.95 -0.74
C HIS B 98 -10.65 7.68 -1.77
N ASP B 99 -9.37 7.32 -1.89
CA ASP B 99 -8.45 8.05 -2.76
C ASP B 99 -8.01 7.26 -3.99
N ALA B 100 -8.74 6.19 -4.31
CA ALA B 100 -8.49 5.41 -5.52
C ALA B 100 -9.45 5.89 -6.61
N ASP B 101 -8.90 6.17 -7.79
CA ASP B 101 -9.72 6.65 -8.91
C ASP B 101 -9.19 6.17 -10.24
N VAL B 102 -9.75 5.07 -10.74
CA VAL B 102 -9.51 4.58 -12.09
C VAL B 102 -10.84 4.56 -12.84
N THR B 103 -11.64 5.61 -12.62
CA THR B 103 -12.93 5.75 -13.28
C THR B 103 -12.76 5.95 -14.78
N ALA B 104 -11.56 6.37 -15.19
CA ALA B 104 -11.23 6.53 -16.61
C ALA B 104 -11.43 5.25 -17.41
N PHE B 105 -11.26 4.09 -16.75
CA PHE B 105 -11.45 2.79 -17.40
C PHE B 105 -12.69 2.05 -16.91
N GLY B 106 -13.63 2.78 -16.33
CA GLY B 106 -14.93 2.22 -16.00
C GLY B 106 -15.09 1.60 -14.63
N TYR B 107 -14.02 1.64 -13.82
CA TYR B 107 -14.11 1.16 -12.44
C TYR B 107 -14.92 2.16 -11.63
N GLU B 108 -15.59 1.71 -10.60
CA GLU B 108 -16.29 2.66 -9.77
C GLU B 108 -15.30 3.41 -8.90
N ILE B 109 -15.70 4.60 -8.46
CA ILE B 109 -14.84 5.43 -7.66
C ILE B 109 -14.43 4.62 -6.42
N GLY B 110 -13.14 4.70 -6.08
CA GLY B 110 -12.59 3.96 -4.96
C GLY B 110 -12.14 2.56 -5.29
N GLN B 111 -12.56 2.01 -6.43
CA GLN B 111 -12.21 0.63 -6.79
C GLN B 111 -10.83 0.56 -7.42
N MET B 112 -10.01 -0.34 -6.90
CA MET B 112 -8.70 -0.60 -7.48
C MET B 112 -8.81 -1.70 -8.51
N PRO B 113 -8.33 -1.47 -9.75
CA PRO B 113 -8.38 -2.52 -10.76
C PRO B 113 -7.74 -3.80 -10.24
N GLY B 114 -8.45 -4.91 -10.42
CA GLY B 114 -8.04 -6.20 -9.86
C GLY B 114 -8.73 -6.58 -8.58
N GLN B 115 -9.49 -5.64 -8.00
CA GLN B 115 -10.15 -5.83 -6.71
C GLN B 115 -11.66 -5.58 -6.82
N PRO B 116 -12.42 -6.11 -5.85
CA PRO B 116 -13.80 -5.67 -5.70
C PRO B 116 -13.85 -4.19 -5.33
N ALA B 117 -14.97 -3.54 -5.55
CA ALA B 117 -15.09 -2.12 -5.22
C ALA B 117 -15.00 -1.86 -3.73
N ALA B 118 -15.45 -2.83 -2.93
CA ALA B 118 -15.38 -2.73 -1.45
C ALA B 118 -14.92 -4.07 -0.92
N PHE B 119 -14.29 -4.02 0.26
CA PHE B 119 -13.81 -5.20 0.95
C PHE B 119 -14.76 -5.41 2.12
N LYS B 120 -15.54 -6.49 2.05
CA LYS B 120 -16.55 -6.78 3.07
C LYS B 120 -15.96 -7.44 4.30
N ALA B 121 -16.30 -6.94 5.49
CA ALA B 121 -15.86 -7.59 6.73
C ALA B 121 -16.47 -8.99 6.83
N ASP B 122 -15.71 -9.89 7.45
CA ASP B 122 -16.14 -11.29 7.53
C ASP B 122 -17.40 -11.38 8.40
N GLU B 123 -18.41 -12.11 7.92
CA GLU B 123 -19.69 -12.17 8.65
C GLU B 123 -19.58 -12.86 10.02
N LYS B 124 -18.79 -13.92 10.11
CA LYS B 124 -18.59 -14.60 11.40
C LYS B 124 -17.85 -13.73 12.42
N LEU B 125 -16.79 -13.05 12.00
CA LEU B 125 -16.14 -12.04 12.86
C LEU B 125 -17.06 -10.92 13.28
N MET B 126 -17.93 -10.52 12.36
CA MET B 126 -18.87 -9.48 12.64
CA MET B 126 -18.87 -9.46 12.66
C MET B 126 -19.82 -9.86 13.78
N THR B 127 -20.27 -11.10 13.75
CA THR B 127 -21.12 -11.61 14.82
C THR B 127 -20.39 -11.52 16.17
N VAL B 128 -19.09 -11.81 16.20
CA VAL B 128 -18.31 -11.69 17.43
C VAL B 128 -18.19 -10.25 17.89
N ALA B 129 -17.97 -9.33 16.96
CA ALA B 129 -17.97 -7.91 17.25
C ALA B 129 -19.28 -7.46 17.89
N GLU B 130 -20.40 -7.92 17.34
CA GLU B 130 -21.73 -7.62 17.90
C GLU B 130 -21.87 -8.16 19.33
N GLN B 131 -21.43 -9.39 19.53
CA GLN B 131 -21.45 -10.00 20.87
C GLN B 131 -20.60 -9.22 21.87
N ALA B 132 -19.43 -8.78 21.44
CA ALA B 132 -18.56 -7.97 22.29
C ALA B 132 -19.21 -6.65 22.69
N LEU B 133 -19.85 -6.00 21.73
CA LEU B 133 -20.55 -4.74 21.97
C LEU B 133 -21.67 -4.95 22.99
N ALA B 134 -22.40 -6.05 22.84
CA ALA B 134 -23.46 -6.40 23.80
C ALA B 134 -22.92 -6.57 25.22
N GLN B 135 -21.65 -6.94 25.37
CA GLN B 135 -21.02 -7.09 26.69
C GLN B 135 -20.33 -5.82 27.21
N LEU B 136 -20.42 -4.75 26.43
CA LEU B 136 -19.92 -3.43 26.84
C LEU B 136 -21.08 -2.44 26.76
N PRO B 137 -22.05 -2.54 27.70
CA PRO B 137 -23.26 -1.71 27.60
C PRO B 137 -23.05 -0.18 27.70
N ASN B 138 -21.92 0.27 28.25
CA ASN B 138 -21.65 1.72 28.29
C ASN B 138 -21.16 2.27 26.96
N THR B 139 -20.83 1.37 26.02
CA THR B 139 -20.19 1.75 24.76
C THR B 139 -21.23 2.02 23.68
N HIS B 140 -21.08 3.13 22.97
CA HIS B 140 -21.89 3.42 21.80
C HIS B 140 -21.02 3.16 20.57
N ALA B 141 -21.59 2.45 19.60
CA ALA B 141 -20.90 2.16 18.36
C ALA B 141 -21.75 2.46 17.14
N VAL B 142 -21.07 2.62 16.02
CA VAL B 142 -21.71 2.67 14.72
C VAL B 142 -20.99 1.71 13.80
N ARG B 143 -21.76 0.95 13.04
CA ARG B 143 -21.21 0.10 12.01
C ARG B 143 -21.53 0.69 10.67
N GLY B 144 -20.55 0.67 9.77
CA GLY B 144 -20.75 1.15 8.44
C GLY B 144 -19.48 1.16 7.62
N LEU B 145 -19.56 1.88 6.51
CA LEU B 145 -18.46 2.00 5.57
C LEU B 145 -17.33 2.80 6.18
N ILE B 146 -16.11 2.22 6.19
CA ILE B 146 -14.90 2.94 6.59
C ILE B 146 -14.09 3.20 5.33
N CYS B 147 -13.67 4.46 5.14
CA CYS B 147 -12.94 4.87 3.97
C CYS B 147 -11.51 5.23 4.38
N THR B 148 -10.56 4.74 3.57
CA THR B 148 -9.15 4.87 3.83
C THR B 148 -8.48 5.66 2.70
N GLY B 149 -7.57 6.53 3.08
CA GLY B 149 -6.66 7.16 2.14
C GLY B 149 -5.34 7.51 2.80
N ASP B 150 -4.37 7.91 1.98
CA ASP B 150 -3.08 8.31 2.54
C ASP B 150 -3.06 9.79 2.93
N ALA B 151 -4.13 10.27 3.55
CA ALA B 151 -4.23 11.67 3.97
C ALA B 151 -4.96 11.75 5.30
N PHE B 152 -4.51 12.68 6.14
CA PHE B 152 -5.23 12.99 7.38
C PHE B 152 -6.32 14.01 7.01
N ILE B 153 -7.58 13.66 7.23
CA ILE B 153 -8.71 14.48 6.79
C ILE B 153 -9.02 15.51 7.86
N CYS B 154 -8.92 16.78 7.47
CA CYS B 154 -9.03 17.87 8.43
C CYS B 154 -9.51 19.19 7.81
N THR B 155 -10.19 19.10 6.67
CA THR B 155 -10.69 20.29 6.01
C THR B 155 -12.10 20.01 5.53
N ALA B 156 -12.86 21.06 5.36
CA ALA B 156 -14.22 20.92 4.88
C ALA B 156 -14.23 20.37 3.46
N GLU B 157 -13.25 20.79 2.65
CA GLU B 157 -13.10 20.32 1.27
C GLU B 157 -12.81 18.82 1.24
N GLY B 158 -11.95 18.38 2.16
CA GLY B 158 -11.60 16.95 2.25
C GLY B 158 -12.80 16.10 2.61
N GLN B 159 -13.55 16.56 3.61
CA GLN B 159 -14.79 15.91 3.99
C GLN B 159 -15.80 15.83 2.87
N GLN B 160 -15.99 16.95 2.20
CA GLN B 160 -17.00 17.05 1.16
C GLN B 160 -16.69 16.10 0.02
N PHE B 161 -15.41 16.01 -0.36
CA PHE B 161 -15.02 15.11 -1.45
C PHE B 161 -15.38 13.68 -1.11
N ILE B 162 -15.05 13.27 0.11
CA ILE B 162 -15.29 11.90 0.53
C ILE B 162 -16.80 11.62 0.61
N ARG B 163 -17.55 12.55 1.17
CA ARG B 163 -18.99 12.36 1.27
C ARG B 163 -19.67 12.35 -0.11
N GLN B 164 -19.15 13.13 -1.04
CA GLN B 164 -19.70 13.19 -2.40
C GLN B 164 -19.55 11.83 -3.06
N HIS B 165 -18.39 11.20 -2.88
CA HIS B 165 -18.10 9.95 -3.57
C HIS B 165 -18.54 8.72 -2.82
N PHE B 166 -18.65 8.82 -1.49
CA PHE B 166 -19.01 7.70 -0.61
C PHE B 166 -20.01 8.18 0.44
N PRO B 167 -21.25 8.43 0.01
CA PRO B 167 -22.22 9.10 0.91
C PRO B 167 -22.54 8.37 2.22
N SER B 168 -22.32 7.05 2.24
CA SER B 168 -22.61 6.23 3.42
C SER B 168 -21.44 6.18 4.42
N VAL B 169 -20.32 6.83 4.13
CA VAL B 169 -19.14 6.74 4.99
C VAL B 169 -19.46 7.08 6.45
N VAL B 170 -18.97 6.26 7.38
CA VAL B 170 -19.11 6.57 8.81
C VAL B 170 -17.84 7.05 9.47
N ALA B 171 -16.68 6.71 8.90
CA ALA B 171 -15.42 7.14 9.44
C ALA B 171 -14.32 6.99 8.41
N VAL B 172 -13.22 7.70 8.64
CA VAL B 172 -12.04 7.62 7.79
C VAL B 172 -10.80 7.35 8.59
N GLU B 173 -9.83 6.72 7.93
CA GLU B 173 -8.51 6.55 8.50
C GLU B 173 -7.51 6.24 7.37
N MET B 174 -6.36 5.63 7.69
CA MET B 174 -5.25 5.59 6.72
C MET B 174 -4.64 4.22 6.50
N GLU B 175 -5.24 3.19 7.08
CA GLU B 175 -4.74 1.81 6.92
C GLU B 175 -5.75 0.73 6.56
N ALA B 176 -7.02 0.92 6.92
CA ALA B 176 -7.96 -0.18 6.86
C ALA B 176 -8.09 -0.82 5.48
N SER B 177 -8.16 -0.01 4.44
CA SER B 177 -8.39 -0.57 3.11
C SER B 177 -7.16 -1.35 2.63
N ALA B 178 -5.99 -0.98 3.13
CA ALA B 178 -4.76 -1.70 2.79
C ALA B 178 -4.74 -3.05 3.51
N ILE B 179 -5.12 -3.04 4.78
CA ILE B 179 -5.24 -4.28 5.54
C ILE B 179 -6.32 -5.17 4.90
N ALA B 180 -7.46 -4.59 4.57
CA ALA B 180 -8.59 -5.35 4.02
C ALA B 180 -8.27 -5.87 2.63
N GLN B 181 -7.66 -5.06 1.77
CA GLN B 181 -7.30 -5.54 0.44
C GLN B 181 -6.26 -6.67 0.54
N THR B 182 -5.29 -6.51 1.43
CA THR B 182 -4.27 -7.53 1.62
C THR B 182 -4.91 -8.81 2.11
N CYS B 183 -5.80 -8.69 3.10
CA CYS B 183 -6.51 -9.87 3.58
C CYS B 183 -7.33 -10.49 2.44
N HIS B 184 -7.91 -9.67 1.58
CA HIS B 184 -8.71 -10.20 0.46
C HIS B 184 -7.83 -11.01 -0.49
N GLN B 185 -6.66 -10.48 -0.80
CA GLN B 185 -5.70 -11.17 -1.67
C GLN B 185 -5.21 -12.48 -1.08
N PHE B 186 -5.07 -12.54 0.24
CA PHE B 186 -4.67 -13.77 0.93
C PHE B 186 -5.83 -14.68 1.32
N LYS B 187 -7.07 -14.22 1.11
CA LYS B 187 -8.29 -14.91 1.59
C LYS B 187 -8.30 -15.17 3.10
N VAL B 188 -8.10 -14.11 3.88
CA VAL B 188 -8.13 -14.17 5.32
C VAL B 188 -9.24 -13.23 5.83
N PRO B 189 -10.10 -13.70 6.72
CA PRO B 189 -11.20 -12.84 7.21
C PRO B 189 -10.72 -11.69 8.06
N PHE B 190 -11.34 -10.53 7.90
CA PHE B 190 -10.98 -9.37 8.69
C PHE B 190 -12.21 -8.64 9.21
N VAL B 191 -11.97 -7.83 10.24
CA VAL B 191 -12.90 -6.78 10.63
C VAL B 191 -12.11 -5.61 11.23
N VAL B 192 -12.62 -4.40 11.06
CA VAL B 192 -12.05 -3.19 11.62
C VAL B 192 -12.89 -2.77 12.82
N VAL B 193 -12.24 -2.59 13.96
CA VAL B 193 -12.89 -2.19 15.20
C VAL B 193 -12.06 -1.05 15.78
N ARG B 194 -12.38 0.17 15.36
CA ARG B 194 -11.63 1.34 15.75
C ARG B 194 -12.47 2.22 16.64
N ALA B 195 -11.94 3.37 17.03
CA ALA B 195 -12.74 4.32 17.80
C ALA B 195 -12.36 5.76 17.43
N ILE B 196 -13.29 6.67 17.70
CA ILE B 196 -13.19 8.01 17.15
C ILE B 196 -12.32 8.92 18.02
N SER B 197 -11.34 9.55 17.38
CA SER B 197 -10.43 10.51 18.04
C SER B 197 -10.72 11.98 17.69
N ASP B 198 -11.52 12.20 16.66
CA ASP B 198 -11.73 13.53 16.07
C ASP B 198 -12.81 13.39 15.01
N VAL B 199 -13.28 14.52 14.47
CA VAL B 199 -14.34 14.50 13.46
C VAL B 199 -13.87 15.08 12.14
N ALA B 200 -12.58 14.89 11.84
CA ALA B 200 -12.06 15.13 10.49
C ALA B 200 -12.30 16.53 9.98
N ASP B 201 -12.08 17.50 10.87
CA ASP B 201 -12.29 18.92 10.54
C ASP B 201 -11.09 19.75 10.94
N LYS B 202 -11.21 21.07 10.87
CA LYS B 202 -10.05 21.90 11.16
C LYS B 202 -9.54 21.78 12.60
N GLU B 203 -10.38 21.30 13.51
CA GLU B 203 -9.95 21.00 14.87
C GLU B 203 -9.32 19.63 15.05
N SER B 204 -9.29 18.79 14.00
CA SER B 204 -8.86 17.41 14.20
CA SER B 204 -8.83 17.40 14.12
C SER B 204 -7.39 17.23 14.58
N PRO B 205 -6.47 18.08 14.08
CA PRO B 205 -5.11 17.85 14.54
C PRO B 205 -4.97 17.91 16.07
N LEU B 206 -5.60 18.90 16.68
CA LEU B 206 -5.58 19.04 18.13
C LEU B 206 -6.42 17.95 18.81
N SER B 207 -7.62 17.71 18.31
CA SER B 207 -8.50 16.70 18.89
C SER B 207 -7.80 15.33 18.85
N PHE B 208 -7.20 15.02 17.71
CA PHE B 208 -6.50 13.75 17.54
C PHE B 208 -5.44 13.52 18.62
N GLU B 209 -4.58 14.49 18.85
CA GLU B 209 -3.53 14.30 19.84
C GLU B 209 -4.11 14.24 21.24
N GLU B 210 -5.16 15.01 21.50
CA GLU B 210 -5.80 15.00 22.80
C GLU B 210 -6.50 13.69 23.09
N PHE B 211 -7.18 13.12 22.10
CA PHE B 211 -8.06 11.99 22.33
C PHE B 211 -7.64 10.65 21.72
N LEU B 212 -6.45 10.60 21.13
CA LEU B 212 -5.89 9.34 20.70
C LEU B 212 -5.86 8.30 21.84
N PRO B 213 -5.42 8.70 23.05
CA PRO B 213 -5.44 7.70 24.13
C PRO B 213 -6.86 7.16 24.44
N LEU B 214 -7.84 8.03 24.40
CA LEU B 214 -9.23 7.61 24.62
C LEU B 214 -9.69 6.64 23.52
N ALA B 215 -9.37 6.98 22.27
CA ALA B 215 -9.74 6.14 21.14
C ALA B 215 -9.07 4.77 21.25
N ALA B 216 -7.79 4.75 21.61
CA ALA B 216 -7.09 3.48 21.80
C ALA B 216 -7.73 2.67 22.93
N LYS B 217 -8.10 3.33 24.03
CA LYS B 217 -8.77 2.65 25.13
C LYS B 217 -10.07 1.98 24.69
N SER B 218 -10.91 2.73 23.99
CA SER B 218 -12.22 2.23 23.57
C SER B 218 -12.08 1.10 22.57
N SER B 219 -11.22 1.29 21.57
CA SER B 219 -10.99 0.25 20.57
C SER B 219 -10.44 -1.01 21.21
N SER B 220 -9.45 -0.83 22.06
CA SER B 220 -8.78 -1.94 22.73
C SER B 220 -9.71 -2.73 23.64
N ALA B 221 -10.62 -2.05 24.33
CA ALA B 221 -11.59 -2.74 25.16
C ALA B 221 -12.46 -3.67 24.33
N MET B 222 -12.90 -3.20 23.17
CA MET B 222 -13.70 -4.03 22.29
C MET B 222 -12.92 -5.23 21.75
N VAL B 223 -11.69 -4.99 21.33
CA VAL B 223 -10.88 -6.05 20.78
C VAL B 223 -10.61 -7.11 21.85
N LEU B 224 -10.31 -6.69 23.08
CA LEU B 224 -10.10 -7.66 24.18
C LEU B 224 -11.34 -8.51 24.42
N LYS B 225 -12.50 -7.87 24.44
CA LYS B 225 -13.74 -8.61 24.57
C LYS B 225 -13.93 -9.63 23.45
N MET B 226 -13.58 -9.25 22.21
CA MET B 226 -13.64 -10.20 21.10
C MET B 226 -12.71 -11.39 21.28
N VAL B 227 -11.50 -11.15 21.75
CA VAL B 227 -10.53 -12.21 22.04
C VAL B 227 -11.12 -13.17 23.10
N GLU B 228 -11.70 -12.60 24.14
CA GLU B 228 -12.32 -13.41 25.21
C GLU B 228 -13.48 -14.24 24.68
N LEU B 229 -14.28 -13.67 23.79
CA LEU B 229 -15.36 -14.45 23.16
C LEU B 229 -14.79 -15.55 22.26
N LEU B 230 -13.79 -15.20 21.46
CA LEU B 230 -13.19 -16.18 20.54
C LEU B 230 -12.58 -17.37 21.28
N LYS B 231 -12.08 -17.12 22.48
CA LYS B 231 -11.52 -18.16 23.36
C LYS B 231 -12.44 -19.39 23.50
N GLU B 232 -13.75 -19.17 23.57
CA GLU B 232 -14.67 -20.29 23.79
C GLU B 232 -15.67 -20.48 22.66
N ASN B 233 -15.38 -19.89 21.51
CA ASN B 233 -16.20 -20.11 20.32
C ASN B 233 -15.60 -21.30 19.57
N LEU B 234 -16.01 -22.51 19.96
CA LEU B 234 -15.28 -23.72 19.54
C LEU B 234 -15.67 -24.11 18.12
N TYR B 235 -16.90 -23.79 17.75
CA TYR B 235 -17.32 -23.89 16.36
C TYR B 235 -16.47 -22.93 15.52
N PHE B 236 -16.31 -21.68 15.96
CA PHE B 236 -15.46 -20.72 15.22
C PHE B 236 -14.02 -21.20 15.10
N GLN B 237 -13.44 -21.67 16.20
CA GLN B 237 -12.11 -22.28 16.17
C GLN B 237 -12.12 -23.53 15.29
#